data_5ACM
#
_entry.id   5ACM
#
_cell.length_a   39.220
_cell.length_b   31.080
_cell.length_c   73.630
_cell.angle_alpha   90.00
_cell.angle_beta   90.09
_cell.angle_gamma   90.00
#
_symmetry.space_group_name_H-M   'P 1 21 1'
#
loop_
_entity.id
_entity.type
_entity.pdbx_description
1 polymer MCG
2 non-polymer 3,7-BIS(DIMETHYLAMINO)PHENOTHIAZIN-5-IUM
3 non-polymer 'SULFATE ION'
4 non-polymer GLYCEROL
5 water water
#
_entity_poly.entity_id   1
_entity_poly.type   'polypeptide(L)'
_entity_poly.pdbx_seq_one_letter_code
;GQSALTQPPSASGSLGQSVTISCTGTSSDVGGYNYVSWYQQHAGKAPKVIIYEVNKRPSGVPDRFSGSKSGNTASLTVSG
LQAEDEADYYCSSYEGSDNFVFGTGTKVTVL
;
_entity_poly.pdbx_strand_id   A,B
#
loop_
_chem_comp.id
_chem_comp.type
_chem_comp.name
_chem_comp.formula
GOL non-polymer GLYCEROL 'C3 H8 O3'
MBT non-polymer 3,7-BIS(DIMETHYLAMINO)PHENOTHIAZIN-5-IUM 'C16 H18 N3 S 1'
SO4 non-polymer 'SULFATE ION' 'O4 S -2'
#
# COMPACT_ATOMS: atom_id res chain seq x y z
N SER A 3 -2.73 0.69 -21.59
CA SER A 3 -2.77 -0.53 -20.75
C SER A 3 -3.30 -0.29 -19.29
N ALA A 4 -4.58 -0.70 -19.15
CA ALA A 4 -5.28 -0.56 -17.86
C ALA A 4 -6.40 -1.48 -17.64
N LEU A 5 -6.32 -2.08 -16.43
CA LEU A 5 -7.31 -3.10 -15.99
C LEU A 5 -8.70 -2.41 -15.99
N THR A 6 -9.72 -3.15 -16.28
CA THR A 6 -11.09 -2.58 -16.40
C THR A 6 -11.83 -2.67 -15.12
N GLN A 7 -12.33 -1.57 -14.62
CA GLN A 7 -13.14 -1.51 -13.37
C GLN A 7 -14.42 -0.68 -13.65
N PRO A 8 -15.46 -0.90 -13.01
CA PRO A 8 -16.68 0.08 -13.21
C PRO A 8 -16.29 1.40 -12.66
N PRO A 9 -16.77 2.45 -13.34
CA PRO A 9 -16.39 3.79 -12.85
C PRO A 9 -16.93 4.11 -11.46
N SER A 10 -18.09 3.58 -11.13
CA SER A 10 -18.67 3.87 -9.84
C SER A 10 -19.52 2.74 -9.35
N ALA A 11 -19.81 2.60 -8.10
CA ALA A 11 -20.74 1.59 -7.59
C ALA A 11 -21.32 2.12 -6.25
N SER A 12 -22.51 1.75 -5.92
CA SER A 12 -23.11 2.20 -4.70
C SER A 12 -23.78 1.12 -3.97
N GLY A 13 -23.92 1.31 -2.65
CA GLY A 13 -24.71 0.39 -1.83
C GLY A 13 -25.23 1.12 -0.60
N SER A 14 -26.31 0.49 -0.04
CA SER A 14 -26.82 1.04 1.22
C SER A 14 -25.99 0.61 2.38
N LEU A 15 -26.04 1.36 3.42
CA LEU A 15 -25.31 1.05 4.70
C LEU A 15 -25.69 -0.31 5.12
N GLY A 16 -24.71 -1.08 5.49
CA GLY A 16 -24.92 -2.47 5.86
C GLY A 16 -24.92 -3.45 4.86
N GLN A 17 -25.03 -3.06 3.56
CA GLN A 17 -25.12 -3.94 2.44
C GLN A 17 -23.71 -4.12 1.91
N SER A 18 -23.53 -4.59 0.71
CA SER A 18 -22.23 -4.79 0.12
C SER A 18 -22.05 -4.06 -1.22
N VAL A 19 -20.86 -3.86 -1.60
CA VAL A 19 -20.52 -3.39 -2.94
C VAL A 19 -19.40 -4.31 -3.45
N THR A 20 -19.47 -4.67 -4.75
CA THR A 20 -18.49 -5.60 -5.34
C THR A 20 -17.83 -4.81 -6.47
N ILE A 21 -16.57 -4.71 -6.52
CA ILE A 21 -15.68 -4.07 -7.62
CA ILE A 21 -15.84 -3.96 -7.49
C ILE A 21 -14.98 -5.04 -8.37
N SER A 22 -15.28 -5.16 -9.68
CA SER A 22 -14.43 -6.12 -10.48
C SER A 22 -13.26 -5.43 -11.09
N CYS A 23 -12.36 -6.29 -11.54
CA CYS A 23 -11.04 -5.90 -12.06
C CYS A 23 -10.74 -6.89 -13.13
N THR A 24 -10.90 -6.46 -14.44
CA THR A 24 -10.73 -7.44 -15.52
C THR A 24 -9.55 -7.17 -16.27
N GLY A 25 -8.74 -8.16 -16.53
CA GLY A 25 -7.59 -8.15 -17.36
C GLY A 25 -7.54 -9.23 -18.37
N THR A 26 -6.37 -9.82 -18.57
CA THR A 26 -6.18 -10.87 -19.51
C THR A 26 -5.45 -12.02 -18.87
N SER A 27 -5.29 -13.09 -19.63
CA SER A 27 -4.57 -14.30 -19.12
C SER A 27 -3.16 -14.01 -18.80
N SER A 28 -2.61 -12.95 -19.35
CA SER A 28 -1.28 -12.60 -19.03
C SER A 28 -1.08 -11.66 -17.77
N ASP A 29 -2.10 -11.39 -17.08
CA ASP A 29 -2.02 -10.53 -15.92
C ASP A 29 -3.00 -11.04 -14.90
N VAL A 30 -4.22 -10.50 -14.76
CA VAL A 30 -5.14 -10.97 -13.77
C VAL A 30 -5.35 -12.40 -13.76
N GLY A 31 -5.58 -12.97 -14.92
CA GLY A 31 -5.81 -14.39 -15.02
C GLY A 31 -4.57 -15.28 -14.96
N GLY A 32 -3.41 -14.70 -15.03
CA GLY A 32 -2.17 -15.49 -15.04
C GLY A 32 -1.45 -15.67 -13.78
N TYR A 33 -1.77 -14.95 -12.81
CA TYR A 33 -1.10 -14.97 -11.51
C TYR A 33 -2.18 -14.74 -10.41
N ASN A 34 -1.71 -15.14 -9.19
CA ASN A 34 -2.51 -14.80 -7.99
C ASN A 34 -1.90 -13.53 -7.35
N TYR A 35 -1.96 -12.44 -8.06
CA TYR A 35 -1.13 -11.33 -7.64
C TYR A 35 -1.89 -10.04 -7.90
N VAL A 36 -3.14 -10.03 -7.47
CA VAL A 36 -4.02 -8.81 -7.48
C VAL A 36 -3.99 -8.08 -6.17
N SER A 37 -3.76 -6.82 -6.24
CA SER A 37 -3.81 -5.98 -5.07
C SER A 37 -5.00 -5.06 -5.20
N TRP A 38 -5.48 -4.58 -4.10
CA TRP A 38 -6.57 -3.51 -3.98
C TRP A 38 -6.12 -2.45 -3.02
N TYR A 39 -6.40 -1.25 -3.46
CA TYR A 39 -6.05 -0.02 -2.68
C TYR A 39 -7.28 0.80 -2.46
N GLN A 40 -7.46 1.38 -1.42
CA GLN A 40 -8.54 2.36 -1.06
C GLN A 40 -8.04 3.75 -0.85
N GLN A 41 -8.48 4.69 -1.60
CA GLN A 41 -7.98 5.99 -1.37
C GLN A 41 -9.13 6.95 -1.20
N HIS A 42 -9.15 7.71 -0.08
CA HIS A 42 -9.95 9.02 -0.04
C HIS A 42 -9.20 10.09 -0.76
N ALA A 43 -9.85 10.99 -1.48
CA ALA A 43 -9.11 12.03 -2.18
C ALA A 43 -8.21 12.83 -1.23
N GLY A 44 -7.01 13.06 -1.78
CA GLY A 44 -6.01 13.83 -1.14
C GLY A 44 -5.50 13.15 0.09
N LYS A 45 -5.70 11.84 0.13
CA LYS A 45 -5.11 11.05 1.28
C LYS A 45 -4.37 9.93 0.67
N ALA A 46 -3.45 9.34 1.47
CA ALA A 46 -2.68 8.28 1.00
C ALA A 46 -3.47 7.09 0.76
N PRO A 47 -3.10 6.28 -0.18
CA PRO A 47 -3.84 5.01 -0.45
C PRO A 47 -3.58 4.00 0.59
N LYS A 48 -4.59 3.26 1.02
CA LYS A 48 -4.49 2.12 1.93
C LYS A 48 -4.37 0.84 1.20
N VAL A 49 -3.58 -0.15 1.61
CA VAL A 49 -3.60 -1.48 1.03
C VAL A 49 -4.64 -2.28 1.68
N ILE A 50 -5.63 -2.69 0.99
CA ILE A 50 -6.69 -3.50 1.46
C ILE A 50 -6.42 -4.95 1.32
N ILE A 51 -5.98 -5.37 0.12
CA ILE A 51 -5.77 -6.76 -0.21
C ILE A 51 -4.50 -6.84 -1.12
N TYR A 52 -3.83 -7.94 -0.92
CA TYR A 52 -2.74 -8.34 -1.89
C TYR A 52 -2.94 -9.81 -2.19
N GLU A 53 -2.31 -10.23 -3.24
CA GLU A 53 -2.41 -11.69 -3.68
C GLU A 53 -3.86 -12.19 -3.67
N VAL A 54 -4.72 -11.41 -4.29
CA VAL A 54 -6.11 -11.74 -4.52
C VAL A 54 -7.02 -11.57 -3.27
N ASN A 55 -6.56 -12.23 -2.21
CA ASN A 55 -7.40 -12.24 -0.99
C ASN A 55 -6.60 -12.43 0.25
N LYS A 56 -5.47 -11.72 0.35
CA LYS A 56 -4.70 -11.68 1.60
C LYS A 56 -4.89 -10.30 2.17
N ARG A 57 -5.26 -10.07 3.42
CA ARG A 57 -5.41 -8.76 4.10
C ARG A 57 -4.18 -8.54 4.84
N PRO A 58 -3.56 -7.34 4.76
CA PRO A 58 -2.63 -6.89 5.81
C PRO A 58 -3.43 -6.75 7.10
N SER A 59 -2.58 -7.01 8.19
CA SER A 59 -3.17 -6.71 9.54
C SER A 59 -3.87 -5.44 9.63
N GLY A 60 -5.06 -5.33 10.31
CA GLY A 60 -5.73 -4.12 10.39
C GLY A 60 -6.93 -3.90 9.40
N VAL A 61 -6.95 -4.61 8.35
CA VAL A 61 -8.04 -4.48 7.45
C VAL A 61 -9.19 -5.35 7.97
N PRO A 62 -10.45 -4.82 8.07
CA PRO A 62 -11.48 -5.58 8.67
C PRO A 62 -11.88 -6.80 7.83
N ASP A 63 -12.56 -7.68 8.53
CA ASP A 63 -13.03 -8.97 7.94
C ASP A 63 -14.10 -8.78 6.90
N ARG A 64 -14.69 -7.60 6.83
CA ARG A 64 -15.71 -7.28 5.85
C ARG A 64 -15.13 -7.04 4.44
N PHE A 65 -13.83 -6.94 4.26
CA PHE A 65 -13.17 -6.86 2.94
C PHE A 65 -12.69 -8.15 2.46
N SER A 66 -13.11 -8.56 1.24
CA SER A 66 -12.72 -9.92 0.73
C SER A 66 -12.49 -9.80 -0.71
N GLY A 67 -11.68 -10.70 -1.21
CA GLY A 67 -11.42 -10.89 -2.65
C GLY A 67 -11.78 -12.21 -3.25
N SER A 68 -12.06 -12.16 -4.54
CA SER A 68 -12.43 -13.43 -5.27
C SER A 68 -11.71 -13.28 -6.65
N LYS A 69 -11.53 -14.38 -7.33
CA LYS A 69 -11.06 -14.35 -8.77
C LYS A 69 -11.50 -15.54 -9.51
N SER A 70 -11.94 -15.30 -10.72
CA SER A 70 -12.31 -16.49 -11.59
C SER A 70 -11.90 -16.02 -13.02
N GLY A 71 -11.28 -16.72 -13.67
CA GLY A 71 -10.89 -16.41 -14.99
C GLY A 71 -10.08 -15.12 -14.96
N ASN A 72 -10.34 -14.24 -15.92
CA ASN A 72 -9.55 -12.99 -16.05
C ASN A 72 -10.10 -11.85 -15.22
N THR A 73 -11.00 -12.12 -14.27
CA THR A 73 -11.63 -11.10 -13.45
C THR A 73 -11.41 -11.41 -12.03
N ALA A 74 -10.83 -10.43 -11.31
CA ALA A 74 -10.75 -10.45 -9.81
C ALA A 74 -11.79 -9.49 -9.27
N SER A 75 -12.19 -9.62 -8.03
CA SER A 75 -13.17 -8.68 -7.46
C SER A 75 -12.81 -8.45 -5.99
N LEU A 76 -13.16 -7.31 -5.55
CA LEU A 76 -13.15 -6.88 -4.16
C LEU A 76 -14.55 -6.67 -3.70
N THR A 77 -14.97 -7.28 -2.60
CA THR A 77 -16.29 -6.88 -1.99
C THR A 77 -16.05 -6.29 -0.70
N VAL A 78 -16.72 -5.13 -0.48
CA VAL A 78 -16.77 -4.34 0.75
C VAL A 78 -18.16 -4.70 1.26
N SER A 79 -18.18 -5.55 2.31
CA SER A 79 -19.41 -5.92 2.89
C SER A 79 -19.73 -5.15 4.17
N GLY A 80 -20.93 -5.16 4.60
CA GLY A 80 -21.28 -4.35 5.78
C GLY A 80 -20.95 -2.96 5.60
N LEU A 81 -21.32 -2.33 4.50
CA LEU A 81 -20.86 -1.02 4.10
C LEU A 81 -21.08 0.02 5.12
N GLN A 82 -20.03 0.76 5.29
CA GLN A 82 -20.04 1.94 6.23
C GLN A 82 -19.69 3.24 5.51
N ALA A 83 -20.09 4.32 6.09
CA ALA A 83 -19.77 5.62 5.54
C ALA A 83 -18.29 5.75 5.28
N GLU A 84 -17.43 5.20 6.22
CA GLU A 84 -16.03 5.24 6.23
C GLU A 84 -15.47 4.63 4.85
N ASP A 85 -16.25 3.78 4.20
CA ASP A 85 -15.83 3.07 3.10
C ASP A 85 -15.94 3.80 1.85
N GLU A 86 -16.62 4.97 1.78
CA GLU A 86 -16.72 5.77 0.59
C GLU A 86 -15.31 6.31 0.15
N ALA A 87 -14.85 5.86 -1.02
CA ALA A 87 -13.51 6.11 -1.43
C ALA A 87 -13.35 5.61 -2.89
N ASP A 88 -12.26 5.91 -3.46
CA ASP A 88 -11.95 5.27 -4.81
C ASP A 88 -11.18 4.00 -4.47
N TYR A 89 -11.42 2.97 -5.25
CA TYR A 89 -10.77 1.66 -5.06
C TYR A 89 -10.06 1.30 -6.37
N TYR A 90 -8.87 0.94 -6.29
CA TYR A 90 -8.01 0.59 -7.47
C TYR A 90 -7.51 -0.80 -7.35
N CYS A 91 -7.52 -1.57 -8.38
CA CYS A 91 -6.77 -2.84 -8.43
C CYS A 91 -5.48 -2.73 -9.19
N SER A 92 -4.60 -3.65 -8.95
CA SER A 92 -3.45 -3.84 -9.84
C SER A 92 -3.16 -5.30 -9.91
N SER A 93 -2.44 -5.72 -10.98
CA SER A 93 -1.91 -7.08 -11.15
C SER A 93 -0.55 -7.03 -11.65
N TYR A 94 0.28 -8.08 -11.22
CA TYR A 94 1.50 -8.42 -12.00
C TYR A 94 1.13 -8.73 -13.43
N GLU A 95 2.03 -8.45 -14.32
CA GLU A 95 1.73 -8.64 -15.79
C GLU A 95 2.99 -9.24 -16.43
N GLY A 96 3.84 -9.89 -15.73
CA GLY A 96 5.01 -10.40 -16.38
C GLY A 96 6.08 -9.37 -16.53
N SER A 97 7.32 -9.87 -16.80
CA SER A 97 8.44 -8.97 -17.18
C SER A 97 8.67 -7.93 -16.14
N ASP A 98 8.55 -8.24 -14.87
CA ASP A 98 8.80 -7.30 -13.84
C ASP A 98 7.85 -6.06 -13.86
N ASN A 99 6.65 -6.22 -14.46
CA ASN A 99 5.80 -5.11 -14.67
C ASN A 99 4.49 -5.29 -13.94
N PHE A 100 3.79 -4.19 -13.60
CA PHE A 100 2.44 -4.14 -13.09
C PHE A 100 1.53 -3.33 -13.93
N VAL A 101 0.28 -3.69 -13.86
CA VAL A 101 -0.76 -2.91 -14.53
C VAL A 101 -1.82 -2.56 -13.51
N PHE A 102 -2.38 -1.35 -13.62
CA PHE A 102 -3.39 -0.86 -12.67
C PHE A 102 -4.76 -0.73 -13.32
N GLY A 103 -5.77 -0.85 -12.55
CA GLY A 103 -7.10 -0.52 -12.93
C GLY A 103 -7.36 1.00 -12.96
N THR A 104 -8.53 1.33 -13.55
CA THR A 104 -8.93 2.70 -13.72
C THR A 104 -9.59 3.30 -12.53
N GLY A 105 -9.94 2.50 -11.52
CA GLY A 105 -10.52 2.97 -10.30
C GLY A 105 -12.02 2.97 -10.28
N THR A 106 -12.61 2.79 -9.11
CA THR A 106 -14.07 2.77 -8.94
C THR A 106 -14.32 3.67 -7.76
N LYS A 107 -15.25 4.63 -7.93
CA LYS A 107 -15.79 5.49 -6.85
C LYS A 107 -16.89 4.77 -6.19
N VAL A 108 -16.79 4.50 -4.93
CA VAL A 108 -17.82 3.83 -4.19
C VAL A 108 -18.54 4.91 -3.40
N THR A 109 -19.91 4.86 -3.43
CA THR A 109 -20.76 5.78 -2.58
C THR A 109 -21.79 5.00 -1.82
N VAL A 110 -22.22 5.53 -0.76
CA VAL A 110 -23.27 4.92 0.07
C VAL A 110 -24.59 5.63 -0.26
N LEU A 111 -25.63 4.82 -0.50
CA LEU A 111 -27.02 5.23 -0.80
C LEU A 111 -27.50 6.02 0.36
N SER B 3 16.44 -12.62 8.81
CA SER B 3 16.68 -12.06 7.49
C SER B 3 15.51 -11.09 7.25
N ALA B 4 15.08 -10.30 8.23
CA ALA B 4 14.19 -9.13 7.83
C ALA B 4 15.16 -7.93 7.57
N LEU B 5 14.69 -6.92 6.80
CA LEU B 5 15.46 -5.72 6.60
C LEU B 5 15.55 -5.02 7.96
N THR B 6 16.70 -4.40 8.23
CA THR B 6 16.90 -3.81 9.52
C THR B 6 16.35 -2.42 9.64
N GLN B 7 15.60 -2.19 10.66
CA GLN B 7 15.10 -0.84 10.99
C GLN B 7 15.32 -0.58 12.46
N PRO B 8 15.47 0.71 12.91
CA PRO B 8 15.46 0.94 14.35
C PRO B 8 14.11 0.62 14.89
N PRO B 9 14.05 0.13 16.18
CA PRO B 9 12.70 -0.31 16.74
C PRO B 9 11.76 0.93 16.96
N SER B 10 12.36 2.04 17.26
CA SER B 10 11.61 3.29 17.53
C SER B 10 12.47 4.46 17.10
N ALA B 11 11.80 5.57 17.02
CA ALA B 11 12.47 6.85 16.76
C ALA B 11 11.43 7.98 17.21
N SER B 12 11.95 9.09 17.65
CA SER B 12 11.12 10.18 18.15
C SER B 12 11.52 11.48 17.50
N GLY B 13 10.60 12.46 17.51
CA GLY B 13 10.94 13.84 17.11
C GLY B 13 9.95 14.82 17.72
N SER B 14 10.41 16.04 17.81
CA SER B 14 9.45 17.12 18.22
C SER B 14 8.56 17.54 17.14
N LEU B 15 7.38 18.03 17.52
CA LEU B 15 6.52 18.59 16.51
C LEU B 15 7.22 19.61 15.66
N GLY B 16 7.04 19.44 14.29
CA GLY B 16 7.64 20.38 13.39
C GLY B 16 9.04 19.97 12.93
N GLN B 17 9.66 19.06 13.64
CA GLN B 17 11.02 18.54 13.36
C GLN B 17 10.94 17.35 12.35
N SER B 18 11.91 16.57 12.33
CA SER B 18 11.82 15.37 11.35
C SER B 18 12.27 14.13 12.03
N VAL B 19 11.81 12.97 11.59
CA VAL B 19 12.32 11.67 11.99
C VAL B 19 12.86 10.99 10.75
N THR B 20 13.98 10.31 10.78
CA THR B 20 14.41 9.51 9.68
C THR B 20 14.53 8.08 10.10
N ILE B 21 14.00 7.25 9.26
CA ILE B 21 14.04 5.73 9.46
CA ILE B 21 13.81 5.81 9.61
C ILE B 21 14.73 4.99 8.46
N SER B 22 15.78 4.39 8.86
CA SER B 22 16.67 3.63 7.89
C SER B 22 16.10 2.20 7.72
N CYS B 23 16.51 1.67 6.64
CA CYS B 23 16.04 0.36 6.19
C CYS B 23 17.33 -0.33 5.47
N THR B 24 17.97 -1.18 6.19
CA THR B 24 19.32 -1.74 5.70
C THR B 24 19.08 -3.17 5.26
N GLY B 25 19.51 -3.44 4.07
CA GLY B 25 19.52 -4.79 3.51
C GLY B 25 20.91 -5.07 2.98
N THR B 26 20.92 -5.79 1.91
CA THR B 26 22.19 -6.27 1.22
C THR B 26 22.14 -5.76 -0.21
N SER B 27 23.26 -6.09 -0.93
CA SER B 27 23.32 -5.75 -2.37
C SER B 27 22.40 -6.61 -3.22
N SER B 28 21.81 -7.59 -2.68
CA SER B 28 20.86 -8.40 -3.34
C SER B 28 19.40 -7.95 -3.17
N ASP B 29 19.18 -6.90 -2.43
CA ASP B 29 17.78 -6.35 -2.13
C ASP B 29 17.84 -4.88 -2.20
N VAL B 30 17.94 -4.22 -1.04
CA VAL B 30 17.90 -2.79 -0.95
C VAL B 30 18.91 -2.19 -1.88
N GLY B 31 20.18 -2.69 -1.85
CA GLY B 31 21.17 -2.09 -2.65
C GLY B 31 21.11 -2.49 -4.09
N GLY B 32 20.38 -3.50 -4.48
CA GLY B 32 20.39 -4.07 -5.80
C GLY B 32 19.37 -3.55 -6.72
N TYR B 33 18.37 -2.85 -6.20
CA TYR B 33 17.27 -2.39 -7.00
C TYR B 33 16.87 -1.00 -6.49
N ASN B 34 16.12 -0.25 -7.25
CA ASN B 34 15.41 1.00 -6.71
C ASN B 34 13.94 0.66 -6.50
N TYR B 35 13.74 -0.22 -5.54
CA TYR B 35 12.47 -0.86 -5.33
C TYR B 35 12.17 -1.03 -3.84
N VAL B 36 12.35 0.05 -3.06
CA VAL B 36 12.06 0.15 -1.67
C VAL B 36 10.69 0.87 -1.50
N SER B 37 9.81 0.21 -0.80
CA SER B 37 8.51 0.89 -0.44
C SER B 37 8.51 1.12 1.05
N TRP B 38 7.63 2.06 1.41
CA TRP B 38 7.40 2.41 2.80
C TRP B 38 5.87 2.47 3.13
N TYR B 39 5.53 1.84 4.23
CA TYR B 39 4.13 1.83 4.66
C TYR B 39 4.00 2.42 6.05
N GLN B 40 2.88 3.12 6.30
CA GLN B 40 2.56 3.74 7.59
C GLN B 40 1.35 3.03 8.11
N GLN B 41 1.44 2.55 9.33
CA GLN B 41 0.34 1.85 9.94
C GLN B 41 0.05 2.35 11.38
N HIS B 42 -1.16 2.66 11.62
CA HIS B 42 -1.65 3.02 12.92
C HIS B 42 -2.20 1.73 13.44
N ALA B 43 -2.08 1.62 14.76
CA ALA B 43 -2.40 0.35 15.38
C ALA B 43 -3.81 -0.10 15.00
N GLY B 44 -3.91 -1.29 14.40
CA GLY B 44 -5.18 -1.85 14.12
C GLY B 44 -5.92 -1.16 13.00
N LYS B 45 -5.31 -0.25 12.21
CA LYS B 45 -5.86 0.29 10.92
C LYS B 45 -5.11 -0.35 9.68
N ALA B 46 -5.59 -0.17 8.51
CA ALA B 46 -4.96 -0.72 7.33
C ALA B 46 -3.69 0.11 7.03
N PRO B 47 -2.71 -0.49 6.43
CA PRO B 47 -1.54 0.25 6.14
C PRO B 47 -1.62 1.14 5.02
N LYS B 48 -0.98 2.28 4.99
CA LYS B 48 -0.93 3.19 3.91
C LYS B 48 0.32 3.19 3.20
N VAL B 49 0.26 3.28 1.86
CA VAL B 49 1.51 3.37 1.04
C VAL B 49 1.95 4.79 1.06
N ILE B 50 3.15 5.01 1.58
CA ILE B 50 3.76 6.39 1.65
C ILE B 50 4.72 6.54 0.50
N ILE B 51 5.48 5.61 0.16
CA ILE B 51 6.59 5.69 -0.84
C ILE B 51 6.66 4.42 -1.56
N TYR B 52 6.92 4.39 -2.85
CA TYR B 52 7.41 3.17 -3.56
C TYR B 52 8.57 3.56 -4.38
N GLU B 53 9.37 2.59 -4.91
CA GLU B 53 10.42 2.88 -5.77
C GLU B 53 11.38 3.91 -5.18
N VAL B 54 11.70 3.72 -3.82
CA VAL B 54 12.70 4.60 -3.05
C VAL B 54 12.14 5.93 -2.70
N ASN B 55 11.62 6.70 -3.67
CA ASN B 55 11.16 8.03 -3.45
C ASN B 55 10.11 8.44 -4.40
N LYS B 56 9.16 7.68 -4.74
CA LYS B 56 7.94 8.05 -5.48
C LYS B 56 6.78 8.02 -4.53
N ARG B 57 6.03 9.10 -4.44
CA ARG B 57 4.86 9.15 -3.63
C ARG B 57 3.60 8.93 -4.38
N PRO B 58 2.68 8.09 -3.93
CA PRO B 58 1.30 8.04 -4.51
C PRO B 58 0.77 9.40 -4.29
N SER B 59 -0.36 9.77 -5.04
CA SER B 59 -1.09 11.00 -4.75
C SER B 59 -1.74 10.89 -3.42
N GLY B 60 -1.77 12.04 -2.82
CA GLY B 60 -2.23 12.12 -1.59
C GLY B 60 -1.24 12.09 -0.44
N VAL B 61 -0.02 11.70 -0.61
CA VAL B 61 0.96 11.77 0.43
C VAL B 61 1.60 13.10 0.43
N PRO B 62 1.64 13.71 1.56
CA PRO B 62 2.22 15.04 1.65
C PRO B 62 3.67 15.18 1.25
N ASP B 63 4.07 16.36 0.78
CA ASP B 63 5.43 16.77 0.48
C ASP B 63 6.47 16.56 1.53
N ARG B 64 6.01 16.41 2.78
CA ARG B 64 6.91 16.28 3.94
C ARG B 64 7.43 14.86 4.09
N PHE B 65 7.00 13.88 3.26
CA PHE B 65 7.52 12.52 3.29
C PHE B 65 8.54 12.31 2.13
N SER B 66 9.73 11.91 2.41
CA SER B 66 10.66 11.76 1.33
C SER B 66 11.50 10.56 1.57
N GLY B 67 12.13 10.03 0.51
CA GLY B 67 13.09 8.88 0.63
C GLY B 67 14.41 9.18 0.08
N SER B 68 15.42 8.41 0.58
CA SER B 68 16.73 8.48 0.07
C SER B 68 17.38 7.07 0.05
N LYS B 69 18.40 6.84 -0.68
CA LYS B 69 19.14 5.59 -0.64
C LYS B 69 20.55 5.69 -0.94
N SER B 70 21.43 4.98 -0.23
CA SER B 70 22.87 5.04 -0.48
C SER B 70 23.40 3.70 -0.10
N GLY B 71 24.07 3.01 -1.01
CA GLY B 71 24.53 1.66 -0.67
C GLY B 71 23.39 0.70 -0.34
N ASN B 72 23.50 0.03 0.71
CA ASN B 72 22.50 -0.95 1.11
C ASN B 72 21.52 -0.48 2.12
N THR B 73 21.45 0.86 2.28
CA THR B 73 20.45 1.47 3.22
C THR B 73 19.57 2.52 2.56
N ALA B 74 18.31 2.26 2.58
CA ALA B 74 17.35 3.27 2.14
C ALA B 74 16.83 3.97 3.46
N SER B 75 16.21 5.12 3.28
CA SER B 75 15.61 5.78 4.46
C SER B 75 14.39 6.49 4.00
N LEU B 76 13.49 6.69 4.99
CA LEU B 76 12.26 7.59 4.93
C LEU B 76 12.46 8.67 5.91
N THR B 77 12.29 9.94 5.49
CA THR B 77 12.22 11.03 6.45
C THR B 77 10.77 11.51 6.43
N VAL B 78 10.27 11.67 7.61
CA VAL B 78 9.00 12.33 7.91
C VAL B 78 9.34 13.71 8.43
N SER B 79 9.29 14.72 7.61
CA SER B 79 9.63 16.02 8.01
CA SER B 79 9.60 16.07 8.10
C SER B 79 8.36 16.83 8.46
N GLY B 80 8.60 17.96 9.17
CA GLY B 80 7.47 18.74 9.68
C GLY B 80 6.53 17.91 10.51
N LEU B 81 7.14 17.11 11.42
CA LEU B 81 6.45 16.02 12.10
C LEU B 81 5.10 16.58 12.75
N GLN B 82 4.02 15.79 12.61
CA GLN B 82 2.77 16.06 13.15
C GLN B 82 2.32 14.91 14.07
N ALA B 83 1.37 15.25 14.97
CA ALA B 83 0.77 14.20 15.85
C ALA B 83 0.16 13.03 14.96
N GLU B 84 -0.39 13.39 13.83
CA GLU B 84 -0.92 12.44 12.93
C GLU B 84 0.08 11.46 12.36
N ASP B 85 1.36 11.76 12.50
CA ASP B 85 2.44 10.86 11.94
C ASP B 85 2.82 9.77 12.90
N GLU B 86 2.31 9.79 14.16
CA GLU B 86 2.65 8.78 15.04
C GLU B 86 2.12 7.48 14.54
N ALA B 87 2.88 6.43 14.35
CA ALA B 87 2.49 5.19 13.62
C ALA B 87 3.75 4.34 13.65
N ASP B 88 3.48 3.05 13.18
CA ASP B 88 4.50 2.15 12.82
C ASP B 88 4.88 2.21 11.37
N TYR B 89 6.12 2.35 11.04
CA TYR B 89 6.54 2.45 9.61
C TYR B 89 7.34 1.25 9.25
N TYR B 90 7.08 0.63 8.07
CA TYR B 90 7.73 -0.49 7.59
C TYR B 90 8.33 -0.29 6.23
N CYS B 91 9.50 -0.75 5.97
CA CYS B 91 10.09 -0.83 4.59
C CYS B 91 9.89 -2.18 3.97
N SER B 92 9.99 -2.27 2.64
CA SER B 92 10.17 -3.51 1.92
C SER B 92 11.12 -3.26 0.78
N SER B 93 11.63 -4.30 0.28
CA SER B 93 12.44 -4.29 -1.00
C SER B 93 12.15 -5.58 -1.82
N TYR B 94 12.21 -5.39 -3.11
CA TYR B 94 12.38 -6.54 -3.95
C TYR B 94 13.73 -7.16 -3.59
N GLU B 95 13.79 -8.49 -3.73
CA GLU B 95 14.98 -9.30 -3.43
C GLU B 95 15.34 -10.26 -4.48
N GLY B 96 14.83 -10.11 -5.75
CA GLY B 96 15.07 -11.05 -6.81
C GLY B 96 14.13 -12.11 -6.68
N SER B 97 14.19 -12.99 -7.72
CA SER B 97 13.51 -14.31 -7.61
C SER B 97 12.04 -14.08 -7.37
N ASP B 98 11.42 -13.01 -7.84
CA ASP B 98 9.99 -12.72 -7.60
C ASP B 98 9.54 -12.49 -6.24
N ASN B 99 10.49 -12.31 -5.30
CA ASN B 99 10.24 -12.19 -3.82
C ASN B 99 10.59 -10.78 -3.26
N PHE B 100 9.95 -10.57 -2.13
CA PHE B 100 10.05 -9.29 -1.38
C PHE B 100 10.47 -9.62 0.00
N VAL B 101 11.29 -8.71 0.67
CA VAL B 101 11.67 -8.83 2.06
C VAL B 101 11.28 -7.59 2.75
N PHE B 102 10.77 -7.66 3.97
CA PHE B 102 10.25 -6.55 4.74
C PHE B 102 11.13 -6.26 5.89
N GLY B 103 11.05 -5.05 6.32
CA GLY B 103 11.74 -4.55 7.56
C GLY B 103 10.86 -4.90 8.77
N THR B 104 11.52 -4.79 9.90
CA THR B 104 10.91 -5.13 11.24
C THR B 104 10.02 -4.04 11.78
N GLY B 105 10.07 -2.86 11.19
CA GLY B 105 9.15 -1.80 11.67
C GLY B 105 9.84 -0.79 12.65
N THR B 106 9.35 0.38 12.59
CA THR B 106 9.79 1.41 13.49
C THR B 106 8.60 2.15 14.09
N LYS B 107 8.48 2.17 15.38
CA LYS B 107 7.42 2.97 16.11
C LYS B 107 7.88 4.39 16.19
N VAL B 108 7.20 5.29 15.57
CA VAL B 108 7.52 6.77 15.66
C VAL B 108 6.64 7.49 16.61
N THR B 109 7.23 8.23 17.55
CA THR B 109 6.48 8.95 18.51
C THR B 109 6.92 10.39 18.40
N VAL B 110 6.01 11.24 18.86
CA VAL B 110 6.28 12.71 18.96
C VAL B 110 6.64 12.99 20.41
N LEU B 111 7.71 13.68 20.55
CA LEU B 111 8.15 14.11 21.88
C LEU B 111 7.21 15.27 22.46
C1 MBT C . 6.98 -9.21 -8.82
C2 MBT C . 7.58 -10.13 -9.60
S3 MBT C . 9.10 -9.69 -10.39
C4 MBT C . 9.33 -8.04 -9.77
C5 MBT C . 8.56 -7.42 -8.90
N6 MBT C . 7.39 -7.95 -8.48
C7 MBT C . 10.52 -7.41 -10.21
C8 MBT C . 10.91 -6.21 -9.71
C9 MBT C . 10.06 -5.46 -9.03
C10 MBT C . 8.91 -6.10 -8.55
C11 MBT C . 6.99 -11.35 -9.91
C12 MBT C . 5.84 -11.73 -9.24
C13 MBT C . 5.20 -10.80 -8.49
C14 MBT C . 5.79 -9.60 -8.17
N15 MBT C . 12.22 -5.51 -10.21
C16 MBT C . 13.06 -6.30 -11.02
C17 MBT C . 12.66 -4.54 -9.29
N18 MBT C . 5.19 -12.84 -9.52
C19 MBT C . 3.80 -13.11 -9.25
C20 MBT C . 5.72 -13.79 -10.48
S SO4 D . 1.79 -5.13 -4.62
O1 SO4 D . 1.08 -5.57 -5.86
O2 SO4 D . 2.48 -3.89 -4.96
O3 SO4 D . 3.04 -5.96 -4.51
O4 SO4 D . 0.80 -5.07 -3.37
S SO4 E . 1.65 -16.57 -8.64
O1 SO4 E . 0.54 -17.27 -9.24
O2 SO4 E . 1.24 -15.28 -8.33
O3 SO4 E . 2.73 -16.62 -9.64
O4 SO4 E . 2.03 -17.21 -7.34
S SO4 F . -14.80 -2.01 10.70
O1 SO4 F . -14.50 -0.95 9.65
O2 SO4 F . -15.82 -1.42 11.68
O3 SO4 F . -13.57 -2.28 11.56
O4 SO4 F . -15.44 -3.31 10.38
S SO4 G . -7.98 2.64 -20.80
O1 SO4 G . -8.10 3.76 -21.78
O2 SO4 G . -8.77 2.98 -19.67
O3 SO4 G . -6.56 2.52 -20.33
O4 SO4 G . -8.54 1.31 -21.22
S SO4 H . 15.37 -1.42 -10.57
O1 SO4 H . 15.06 -0.38 -11.59
O2 SO4 H . 16.69 -1.09 -10.15
O3 SO4 H . 15.38 -2.77 -11.17
O4 SO4 H . 14.57 -1.24 -9.38
S SO4 I . 5.61 6.23 -11.95
O1 SO4 I . 4.91 6.05 -13.27
O2 SO4 I . 5.06 7.47 -11.32
O3 SO4 I . 6.92 6.82 -12.31
O4 SO4 I . 5.59 5.15 -10.89
C1 GOL J . 15.74 13.12 12.30
O1 GOL J . 15.15 13.25 10.86
C2 GOL J . 17.19 13.46 12.26
O2 GOL J . 17.60 12.43 11.39
C3 GOL J . 17.13 14.80 11.60
O3 GOL J . 18.22 15.50 12.31
#